data_4R5E
#
_entry.id   4R5E
#
_cell.length_a   57.842
_cell.length_b   64.114
_cell.length_c   85.583
_cell.angle_alpha   90.00
_cell.angle_beta   90.00
_cell.angle_gamma   90.00
#
_symmetry.space_group_name_H-M   'P 21 21 21'
#
loop_
_entity.id
_entity.type
_entity.pdbx_description
1 polymer 'Chitinase A'
2 branched 2-acetamido-2-deoxy-beta-D-allopyranose-(1-4)-2-acetamido-2-deoxy-beta-D-allopyranose
3 non-polymer 'ACETATE ION'
4 non-polymer ALLOSAMIZOLINE
5 water water
#
_entity_poly.entity_id   1
_entity_poly.type   'polypeptide(L)'
_entity_poly.pdbx_seq_one_letter_code
;MQNALKVGFWPAYSVSEFPPSKINSRLFTHLYYAFAELNAPTFEVRVPPGSEKTAEDFTPTVRRLNPSVKTLISIGGGGS
EVRDNFAKLNSDASARQRFVKSSIALARRYGFHGLDLDYEYPEPQLEMENFVKLVSELTAAIREEARTSGKPRLLLTEAV
YFHQKLFPWEVVTEYPVQFIAAGLDWVNVMAYDFHGSWENFTGAPAALRDPNSKFTASVGIESFLAAGMPPEKLVLGIPL
FGRSWLLKNNNEVGIGAPAVGAGPVDGALSFSEIQNFIRGGAREVFDTTTVSAYAYKDNVWVGYDNQQSVALKVQYAKEK
RLGGYFFWSVNQDIDAILPKIASDTWGG
;
_entity_poly.pdbx_strand_id   A
#
# COMPACT_ATOMS: atom_id res chain seq x y z
N ALA A 4 14.87 -9.06 4.78
CA ALA A 4 14.40 -8.06 3.78
C ALA A 4 12.99 -8.37 3.29
N LEU A 5 12.05 -7.47 3.58
CA LEU A 5 10.65 -7.66 3.22
C LEU A 5 10.41 -7.13 1.81
N LYS A 6 9.95 -8.00 0.92
CA LYS A 6 9.64 -7.65 -0.46
C LYS A 6 8.16 -7.92 -0.64
N VAL A 7 7.35 -6.87 -0.55
CA VAL A 7 5.91 -7.01 -0.37
C VAL A 7 5.16 -6.60 -1.65
N GLY A 8 4.13 -7.36 -2.00
CA GLY A 8 3.26 -7.01 -3.13
C GLY A 8 1.80 -7.14 -2.73
N PHE A 9 0.98 -6.19 -3.20
CA PHE A 9 -0.48 -6.25 -3.03
C PHE A 9 -1.16 -6.66 -4.32
N TRP A 10 -2.01 -7.69 -4.23
CA TRP A 10 -2.83 -8.13 -5.36
C TRP A 10 -4.29 -7.79 -5.06
N PRO A 11 -4.92 -6.97 -5.90
CA PRO A 11 -6.32 -6.61 -5.67
C PRO A 11 -7.29 -7.58 -6.37
N ALA A 12 -8.25 -8.09 -5.62
CA ALA A 12 -9.20 -9.06 -6.14
C ALA A 12 -10.03 -8.55 -7.31
N TYR A 13 -10.23 -7.23 -7.41
CA TYR A 13 -10.97 -6.66 -8.55
C TYR A 13 -10.33 -7.03 -9.88
N SER A 14 -9.03 -7.30 -9.87
CA SER A 14 -8.29 -7.53 -11.12
C SER A 14 -8.29 -8.98 -11.60
N VAL A 15 -9.04 -9.86 -10.92
CA VAL A 15 -8.94 -11.30 -11.16
C VAL A 15 -9.14 -11.77 -12.62
N SER A 16 -10.04 -11.13 -13.36
CA SER A 16 -10.29 -11.54 -14.75
C SER A 16 -9.04 -11.36 -15.60
N GLU A 17 -8.46 -10.17 -15.56
CA GLU A 17 -7.30 -9.86 -16.40
C GLU A 17 -5.96 -10.26 -15.79
N PHE A 18 -5.90 -10.34 -14.47
CA PHE A 18 -4.65 -10.67 -13.79
C PHE A 18 -4.92 -11.61 -12.62
N PRO A 19 -5.19 -12.88 -12.92
CA PRO A 19 -5.40 -13.84 -11.84
C PRO A 19 -4.13 -14.04 -11.03
N PRO A 20 -4.26 -14.53 -9.78
CA PRO A 20 -3.06 -14.72 -8.94
C PRO A 20 -1.95 -15.56 -9.59
N SER A 21 -2.31 -16.48 -10.48
CA SER A 21 -1.30 -17.27 -11.18
C SER A 21 -0.30 -16.43 -12.01
N LYS A 22 -0.67 -15.20 -12.36
CA LYS A 22 0.21 -14.34 -13.14
C LYS A 22 1.24 -13.59 -12.29
N ILE A 23 1.08 -13.58 -10.97
CA ILE A 23 2.03 -12.91 -10.10
C ILE A 23 3.37 -13.64 -10.13
N ASN A 24 4.46 -12.91 -10.34
CA ASN A 24 5.77 -13.54 -10.23
C ASN A 24 6.20 -13.55 -8.77
N SER A 25 5.74 -14.57 -8.04
CA SER A 25 5.98 -14.63 -6.60
C SER A 25 7.43 -14.91 -6.21
N ARG A 26 8.29 -15.23 -7.18
CA ARG A 26 9.74 -15.34 -6.93
C ARG A 26 10.36 -14.01 -6.48
N LEU A 27 9.69 -12.90 -6.82
CA LEU A 27 10.21 -11.57 -6.57
C LEU A 27 9.70 -10.97 -5.26
N PHE A 28 8.99 -11.77 -4.46
CA PHE A 28 8.38 -11.31 -3.22
C PHE A 28 8.64 -12.25 -2.06
N THR A 29 8.61 -11.70 -0.85
CA THR A 29 8.58 -12.50 0.37
C THR A 29 7.16 -12.60 0.94
N HIS A 30 6.32 -11.60 0.66
CA HIS A 30 4.96 -11.54 1.21
C HIS A 30 4.02 -10.95 0.18
N LEU A 31 2.89 -11.63 -0.02
CA LEU A 31 1.89 -11.18 -0.98
C LEU A 31 0.56 -11.02 -0.26
N TYR A 32 -0.07 -9.87 -0.47
CA TYR A 32 -1.31 -9.51 0.20
C TYR A 32 -2.49 -9.65 -0.74
N TYR A 33 -3.57 -10.20 -0.21
CA TYR A 33 -4.86 -10.24 -0.90
C TYR A 33 -5.64 -9.02 -0.44
N ALA A 34 -6.05 -8.18 -1.39
CA ALA A 34 -6.79 -6.95 -1.08
C ALA A 34 -8.14 -6.98 -1.79
N PHE A 35 -9.28 -6.98 -1.09
CA PHE A 35 -9.44 -6.78 0.37
C PHE A 35 -10.57 -7.64 0.91
N ALA A 36 -10.45 -8.07 2.16
CA ALA A 36 -11.60 -8.52 2.90
C ALA A 36 -12.41 -7.29 3.31
N GLU A 37 -13.72 -7.47 3.44
CA GLU A 37 -14.62 -6.36 3.77
C GLU A 37 -14.99 -6.39 5.25
N LEU A 38 -15.27 -5.22 5.81
CA LEU A 38 -15.62 -5.10 7.23
C LEU A 38 -17.01 -5.67 7.53
N ASN A 39 -17.92 -5.59 6.56
CA ASN A 39 -19.26 -6.17 6.69
C ASN A 39 -20.06 -5.62 7.88
N ALA A 40 -20.19 -4.29 7.92
CA ALA A 40 -21.08 -3.64 8.87
C ALA A 40 -22.52 -4.08 8.58
N PRO A 41 -23.38 -4.14 9.62
CA PRO A 41 -23.14 -3.77 11.02
C PRO A 41 -22.65 -4.90 11.92
N THR A 42 -22.64 -6.14 11.45
CA THR A 42 -22.20 -7.25 12.29
C THR A 42 -20.69 -7.24 12.47
N PHE A 43 -19.97 -6.69 11.49
CA PHE A 43 -18.51 -6.72 11.47
C PHE A 43 -17.96 -8.14 11.59
N GLU A 44 -18.68 -9.08 10.98
CA GLU A 44 -18.18 -10.42 10.76
C GLU A 44 -17.40 -10.31 9.47
N VAL A 45 -16.10 -10.08 9.61
CA VAL A 45 -15.21 -9.81 8.48
C VAL A 45 -15.21 -10.99 7.53
N ARG A 46 -15.19 -10.71 6.23
CA ARG A 46 -15.33 -11.74 5.22
C ARG A 46 -14.75 -11.29 3.90
N VAL A 47 -14.39 -12.21 3.01
CA VAL A 47 -14.13 -11.76 1.65
C VAL A 47 -15.47 -11.47 0.99
N PRO A 48 -15.48 -10.58 0.00
CA PRO A 48 -16.73 -10.28 -0.68
C PRO A 48 -17.43 -11.55 -1.14
N PRO A 49 -18.70 -11.75 -0.73
CA PRO A 49 -19.40 -12.95 -1.18
C PRO A 49 -19.32 -13.14 -2.70
N GLY A 50 -19.07 -14.38 -3.11
CA GLY A 50 -18.78 -14.69 -4.51
C GLY A 50 -17.31 -14.86 -4.84
N SER A 51 -16.42 -14.40 -3.97
N SER A 51 -16.44 -14.40 -3.95
CA SER A 51 -14.97 -14.51 -4.23
CA SER A 51 -14.98 -14.45 -4.15
C SER A 51 -14.28 -15.53 -3.32
C SER A 51 -14.29 -15.48 -3.25
N GLU A 52 -15.07 -16.35 -2.62
CA GLU A 52 -14.51 -17.33 -1.68
C GLU A 52 -13.47 -18.26 -2.32
N LYS A 53 -13.72 -18.71 -3.55
CA LYS A 53 -12.79 -19.63 -4.21
C LYS A 53 -11.48 -18.94 -4.57
N THR A 54 -11.57 -17.72 -5.08
CA THR A 54 -10.39 -16.92 -5.40
C THR A 54 -9.54 -16.68 -4.15
N ALA A 55 -10.19 -16.35 -3.04
CA ALA A 55 -9.49 -16.12 -1.78
C ALA A 55 -8.80 -17.39 -1.28
N GLU A 56 -9.51 -18.52 -1.34
CA GLU A 56 -8.93 -19.79 -0.93
C GLU A 56 -7.74 -20.21 -1.79
N ASP A 57 -7.88 -20.06 -3.11
CA ASP A 57 -6.85 -20.51 -4.04
C ASP A 57 -5.62 -19.59 -4.07
N PHE A 58 -5.76 -18.36 -3.59
CA PHE A 58 -4.70 -17.37 -3.66
C PHE A 58 -3.35 -17.87 -3.14
N THR A 59 -3.33 -18.37 -1.92
CA THR A 59 -2.06 -18.72 -1.29
C THR A 59 -1.43 -19.97 -1.92
N PRO A 60 -2.20 -21.07 -2.10
CA PRO A 60 -1.60 -22.21 -2.82
C PRO A 60 -1.08 -21.83 -4.21
N THR A 61 -1.79 -20.97 -4.91
CA THR A 61 -1.40 -20.57 -6.25
C THR A 61 -0.08 -19.82 -6.26
N VAL A 62 0.05 -18.78 -5.44
CA VAL A 62 1.28 -17.99 -5.46
C VAL A 62 2.48 -18.77 -4.92
N ARG A 63 2.23 -19.69 -3.98
CA ARG A 63 3.33 -20.50 -3.44
C ARG A 63 3.88 -21.54 -4.43
N ARG A 64 3.17 -21.84 -5.51
CA ARG A 64 3.67 -22.83 -6.47
C ARG A 64 4.96 -22.36 -7.14
N LEU A 65 5.10 -21.05 -7.34
CA LEU A 65 6.30 -20.50 -7.99
C LEU A 65 7.42 -20.18 -7.00
N ASN A 66 7.04 -19.93 -5.75
CA ASN A 66 7.98 -19.64 -4.69
C ASN A 66 7.38 -20.12 -3.38
N PRO A 67 7.61 -21.39 -3.03
CA PRO A 67 6.97 -21.97 -1.84
C PRO A 67 7.26 -21.20 -0.56
N SER A 68 8.41 -20.54 -0.48
CA SER A 68 8.78 -19.77 0.72
C SER A 68 7.93 -18.51 0.90
N VAL A 69 7.22 -18.07 -0.13
CA VAL A 69 6.45 -16.82 -0.02
C VAL A 69 5.33 -16.97 1.00
N LYS A 70 5.07 -15.92 1.76
CA LYS A 70 3.96 -15.91 2.72
C LYS A 70 2.89 -14.95 2.26
N THR A 71 1.70 -15.10 2.80
CA THR A 71 0.57 -14.25 2.42
C THR A 71 -0.13 -13.62 3.61
N LEU A 72 -0.73 -12.46 3.37
CA LEU A 72 -1.60 -11.82 4.33
C LEU A 72 -2.87 -11.39 3.61
N ILE A 73 -3.96 -11.29 4.37
CA ILE A 73 -5.19 -10.74 3.85
C ILE A 73 -5.43 -9.37 4.47
N SER A 74 -5.65 -8.37 3.62
CA SER A 74 -5.83 -6.99 4.03
C SER A 74 -7.32 -6.69 4.14
N ILE A 75 -7.68 -6.05 5.25
CA ILE A 75 -9.05 -5.72 5.55
C ILE A 75 -9.27 -4.22 5.38
N GLY A 76 -10.23 -3.86 4.54
CA GLY A 76 -10.60 -2.46 4.36
C GLY A 76 -10.31 -1.97 2.95
N GLY A 77 -9.46 -0.96 2.85
CA GLY A 77 -9.20 -0.28 1.58
C GLY A 77 -9.24 1.23 1.77
N GLY A 78 -8.86 1.96 0.73
CA GLY A 78 -8.70 3.40 0.83
C GLY A 78 -9.96 4.24 0.73
N GLY A 79 -11.09 3.62 0.42
CA GLY A 79 -12.33 4.37 0.21
C GLY A 79 -12.95 4.99 1.45
N SER A 80 -13.81 5.98 1.24
CA SER A 80 -14.49 6.67 2.33
C SER A 80 -15.49 5.75 3.06
N GLU A 81 -16.12 4.82 2.34
CA GLU A 81 -17.03 3.87 2.96
C GLU A 81 -16.29 2.97 3.97
N VAL A 82 -15.07 2.55 3.62
CA VAL A 82 -14.23 1.79 4.55
C VAL A 82 -13.90 2.62 5.78
N ARG A 83 -13.48 3.87 5.56
CA ARG A 83 -13.14 4.74 6.67
C ARG A 83 -14.35 4.90 7.62
N ASP A 84 -15.53 5.12 7.05
CA ASP A 84 -16.77 5.28 7.82
C ASP A 84 -17.06 4.03 8.65
N ASN A 85 -16.88 2.87 8.02
CA ASN A 85 -17.08 1.59 8.71
C ASN A 85 -16.09 1.33 9.86
N PHE A 86 -14.80 1.66 9.64
CA PHE A 86 -13.83 1.56 10.73
C PHE A 86 -14.22 2.48 11.89
N ALA A 87 -14.65 3.69 11.57
CA ALA A 87 -15.04 4.66 12.60
C ALA A 87 -16.23 4.16 13.42
N LYS A 88 -17.20 3.55 12.74
CA LYS A 88 -18.36 2.96 13.43
C LYS A 88 -17.95 1.77 14.27
N LEU A 89 -17.16 0.89 13.68
CA LEU A 89 -16.65 -0.29 14.36
C LEU A 89 -15.92 0.06 15.65
N ASN A 90 -14.96 0.95 15.54
CA ASN A 90 -14.00 1.14 16.62
C ASN A 90 -14.59 1.79 17.88
N SER A 91 -15.74 2.42 17.75
CA SER A 91 -16.42 3.05 18.88
C SER A 91 -17.28 2.07 19.68
N ASP A 92 -17.45 0.84 19.17
CA ASP A 92 -18.39 -0.13 19.71
C ASP A 92 -17.62 -1.37 20.17
N ALA A 93 -17.50 -1.54 21.50
CA ALA A 93 -16.69 -2.62 22.06
C ALA A 93 -17.15 -4.01 21.61
N SER A 94 -18.47 -4.22 21.54
N SER A 94 -18.46 -4.21 21.54
CA SER A 94 -18.99 -5.51 21.10
CA SER A 94 -19.01 -5.49 21.09
C SER A 94 -18.64 -5.74 19.62
C SER A 94 -18.70 -5.75 19.62
N ALA A 95 -18.75 -4.70 18.80
CA ALA A 95 -18.39 -4.79 17.38
C ALA A 95 -16.90 -5.10 17.22
N ARG A 96 -16.06 -4.45 18.02
CA ARG A 96 -14.62 -4.72 17.96
C ARG A 96 -14.33 -6.19 18.25
N GLN A 97 -15.03 -6.77 19.23
CA GLN A 97 -14.86 -8.18 19.57
C GLN A 97 -15.25 -9.08 18.40
N ARG A 98 -16.37 -8.77 17.74
CA ARG A 98 -16.80 -9.55 16.59
C ARG A 98 -15.80 -9.45 15.44
N PHE A 99 -15.25 -8.26 15.22
CA PHE A 99 -14.25 -8.03 14.18
C PHE A 99 -12.99 -8.84 14.46
N VAL A 100 -12.51 -8.78 15.69
CA VAL A 100 -11.28 -9.46 16.05
C VAL A 100 -11.42 -10.98 15.88
N LYS A 101 -12.52 -11.54 16.40
CA LYS A 101 -12.74 -12.98 16.31
C LYS A 101 -12.88 -13.43 14.86
N SER A 102 -13.66 -12.70 14.08
CA SER A 102 -13.92 -13.09 12.69
C SER A 102 -12.72 -12.90 11.77
N SER A 103 -11.91 -11.86 12.01
N SER A 103 -11.93 -11.85 12.01
CA SER A 103 -10.73 -11.62 11.17
CA SER A 103 -10.73 -11.61 11.21
C SER A 103 -9.68 -12.72 11.35
C SER A 103 -9.72 -12.75 11.36
N ILE A 104 -9.44 -13.13 12.59
CA ILE A 104 -8.50 -14.23 12.87
C ILE A 104 -9.00 -15.53 12.23
N ALA A 105 -10.29 -15.83 12.39
CA ALA A 105 -10.88 -17.01 11.78
C ALA A 105 -10.80 -16.96 10.25
N LEU A 106 -10.97 -15.77 9.67
CA LEU A 106 -10.87 -15.60 8.22
C LEU A 106 -9.49 -15.96 7.69
N ALA A 107 -8.46 -15.44 8.35
CA ALA A 107 -7.09 -15.70 7.92
C ALA A 107 -6.80 -17.19 7.96
N ARG A 108 -7.17 -17.86 9.04
CA ARG A 108 -6.96 -19.31 9.14
C ARG A 108 -7.79 -20.07 8.13
N ARG A 109 -9.04 -19.65 7.93
CA ARG A 109 -9.95 -20.32 7.00
C ARG A 109 -9.37 -20.43 5.59
N TYR A 110 -8.75 -19.35 5.13
CA TYR A 110 -8.24 -19.28 3.76
C TYR A 110 -6.75 -19.57 3.62
N GLY A 111 -6.08 -19.88 4.74
CA GLY A 111 -4.67 -20.27 4.70
C GLY A 111 -3.69 -19.11 4.60
N PHE A 112 -4.09 -17.93 5.06
CA PHE A 112 -3.20 -16.78 5.11
C PHE A 112 -2.31 -16.84 6.34
N HIS A 113 -1.13 -16.23 6.25
CA HIS A 113 -0.19 -16.20 7.37
C HIS A 113 -0.31 -14.95 8.22
N GLY A 114 -1.19 -14.02 7.82
CA GLY A 114 -1.33 -12.79 8.57
C GLY A 114 -2.53 -11.97 8.15
N LEU A 115 -2.73 -10.90 8.92
CA LEU A 115 -3.80 -9.94 8.74
C LEU A 115 -3.20 -8.56 8.55
N ASP A 116 -3.87 -7.74 7.76
CA ASP A 116 -3.47 -6.36 7.54
C ASP A 116 -4.71 -5.48 7.66
N LEU A 117 -4.53 -4.30 8.24
CA LEU A 117 -5.59 -3.31 8.33
C LEU A 117 -5.27 -2.13 7.42
N ASP A 118 -6.18 -1.83 6.49
CA ASP A 118 -6.05 -0.66 5.63
C ASP A 118 -7.18 0.34 5.95
N TYR A 119 -6.85 1.25 6.87
CA TYR A 119 -7.77 2.24 7.41
C TYR A 119 -7.17 3.61 7.14
N GLU A 120 -7.79 4.35 6.23
CA GLU A 120 -7.25 5.63 5.76
C GLU A 120 -8.23 6.77 6.07
N TYR A 121 -8.13 7.42 7.23
CA TYR A 121 -7.08 7.24 8.25
C TYR A 121 -7.68 7.35 9.63
N PRO A 122 -6.96 6.85 10.65
CA PRO A 122 -7.40 6.99 12.03
C PRO A 122 -7.18 8.40 12.59
N GLU A 123 -7.96 9.33 12.07
CA GLU A 123 -7.97 10.71 12.53
C GLU A 123 -9.40 11.23 12.43
N PRO A 124 -9.80 12.19 13.28
CA PRO A 124 -9.04 12.92 14.29
C PRO A 124 -8.73 12.11 15.54
N GLN A 125 -8.32 12.78 16.62
CA GLN A 125 -7.83 12.10 17.83
C GLN A 125 -8.76 10.99 18.32
N LEU A 126 -10.07 11.25 18.36
CA LEU A 126 -11.03 10.23 18.80
C LEU A 126 -10.89 8.94 18.01
N GLU A 127 -10.70 9.07 16.70
CA GLU A 127 -10.58 7.90 15.84
C GLU A 127 -9.26 7.17 16.05
N MET A 128 -8.18 7.90 16.34
CA MET A 128 -6.92 7.24 16.73
C MET A 128 -7.08 6.48 18.04
N GLU A 129 -7.72 7.12 19.03
CA GLU A 129 -7.93 6.49 20.33
C GLU A 129 -8.72 5.20 20.21
N ASN A 130 -9.77 5.21 19.40
CA ASN A 130 -10.59 4.03 19.24
C ASN A 130 -9.91 2.95 18.38
N PHE A 131 -9.10 3.37 17.41
CA PHE A 131 -8.31 2.43 16.62
C PHE A 131 -7.28 1.72 17.48
N VAL A 132 -6.69 2.46 18.42
CA VAL A 132 -5.79 1.87 19.41
C VAL A 132 -6.47 0.73 20.18
N LYS A 133 -7.72 0.93 20.59
CA LYS A 133 -8.46 -0.13 21.28
C LYS A 133 -8.60 -1.36 20.38
N LEU A 134 -8.99 -1.16 19.12
CA LEU A 134 -9.15 -2.27 18.19
C LEU A 134 -7.84 -3.04 18.02
N VAL A 135 -6.75 -2.32 17.76
CA VAL A 135 -5.50 -2.97 17.44
C VAL A 135 -4.90 -3.66 18.67
N SER A 136 -5.04 -3.05 19.85
CA SER A 136 -4.58 -3.70 21.08
C SER A 136 -5.31 -5.02 21.31
N GLU A 137 -6.63 -5.02 21.10
CA GLU A 137 -7.44 -6.23 21.27
C GLU A 137 -7.06 -7.28 20.22
N LEU A 138 -6.80 -6.83 18.99
CA LEU A 138 -6.40 -7.74 17.92
C LEU A 138 -5.05 -8.40 18.21
N THR A 139 -4.07 -7.61 18.65
CA THR A 139 -2.76 -8.16 19.01
C THR A 139 -2.88 -9.25 20.08
N ALA A 140 -3.68 -8.98 21.11
CA ALA A 140 -3.87 -9.95 22.18
C ALA A 140 -4.57 -11.22 21.70
N ALA A 141 -5.59 -11.07 20.86
CA ALA A 141 -6.32 -12.22 20.34
C ALA A 141 -5.43 -13.05 19.41
N ILE A 142 -4.56 -12.37 18.66
CA ILE A 142 -3.61 -13.08 17.79
C ILE A 142 -2.65 -13.95 18.61
N ARG A 143 -2.14 -13.41 19.71
CA ARG A 143 -1.28 -14.18 20.60
C ARG A 143 -2.02 -15.33 21.27
N GLU A 144 -3.27 -15.10 21.66
CA GLU A 144 -4.09 -16.15 22.28
C GLU A 144 -4.39 -17.29 21.29
N GLU A 145 -4.67 -16.96 20.04
CA GLU A 145 -4.96 -17.98 19.03
C GLU A 145 -3.74 -18.85 18.73
N ALA A 146 -2.55 -18.24 18.75
CA ALA A 146 -1.30 -18.98 18.59
C ALA A 146 -1.13 -20.00 19.71
N ARG A 147 -1.49 -19.60 20.93
CA ARG A 147 -1.39 -20.47 22.10
C ARG A 147 -2.34 -21.66 22.00
N THR A 148 -3.62 -21.39 21.70
CA THR A 148 -4.63 -22.45 21.66
C THR A 148 -4.49 -23.36 20.43
N SER A 149 -4.16 -22.78 19.28
CA SER A 149 -4.00 -23.56 18.04
C SER A 149 -2.66 -24.28 17.95
N GLY A 150 -1.63 -23.70 18.58
CA GLY A 150 -0.27 -24.26 18.52
C GLY A 150 0.55 -23.79 17.32
N LYS A 151 -0.02 -22.94 16.49
CA LYS A 151 0.64 -22.44 15.28
C LYS A 151 1.37 -21.13 15.58
N PRO A 152 2.37 -20.77 14.75
CA PRO A 152 2.98 -19.45 14.91
C PRO A 152 1.92 -18.37 14.82
N ARG A 153 2.06 -17.28 15.57
CA ARG A 153 1.02 -16.28 15.53
C ARG A 153 0.90 -15.69 14.13
N LEU A 154 -0.32 -15.35 13.77
CA LEU A 154 -0.57 -14.57 12.57
C LEU A 154 0.27 -13.29 12.60
N LEU A 155 0.83 -12.94 11.46
CA LEU A 155 1.43 -11.63 11.29
C LEU A 155 0.33 -10.58 11.37
N LEU A 156 0.70 -9.38 11.81
CA LEU A 156 -0.21 -8.24 11.84
C LEU A 156 0.49 -7.01 11.32
N THR A 157 -0.07 -6.43 10.26
CA THR A 157 0.47 -5.19 9.71
C THR A 157 -0.66 -4.19 9.51
N GLU A 158 -0.29 -2.95 9.18
CA GLU A 158 -1.27 -1.96 8.78
C GLU A 158 -0.66 -0.98 7.80
N ALA A 159 -1.53 -0.44 6.97
CA ALA A 159 -1.19 0.68 6.12
C ALA A 159 -1.13 1.96 6.95
N VAL A 160 -0.12 2.79 6.67
CA VAL A 160 -0.03 4.11 7.29
C VAL A 160 0.18 5.20 6.23
N TYR A 161 -0.31 6.38 6.58
CA TYR A 161 -0.02 7.62 5.86
C TYR A 161 1.49 7.78 5.69
N PHE A 162 1.91 8.55 4.69
CA PHE A 162 3.34 8.70 4.43
C PHE A 162 4.10 9.32 5.60
N HIS A 163 3.37 10.09 6.42
CA HIS A 163 3.95 10.85 7.53
C HIS A 163 3.41 10.32 8.85
N GLN A 164 4.21 10.45 9.91
CA GLN A 164 3.84 10.01 11.25
C GLN A 164 2.74 10.88 11.88
N LYS A 165 2.63 12.11 11.43
CA LYS A 165 1.64 13.06 11.92
C LYS A 165 0.45 13.09 10.98
N LEU A 166 -0.75 13.08 11.55
CA LEU A 166 -1.98 13.27 10.79
C LEU A 166 -2.57 14.62 11.19
N PHE A 167 -2.30 15.70 10.44
CA PHE A 167 -1.44 15.73 9.26
C PHE A 167 -0.29 16.71 9.50
N PRO A 168 0.81 16.60 8.74
CA PRO A 168 1.99 17.40 9.08
C PRO A 168 1.77 18.93 9.06
N TRP A 169 0.87 19.39 8.19
CA TRP A 169 0.53 20.82 8.09
C TRP A 169 -0.49 21.27 9.16
N GLU A 170 -1.21 20.31 9.74
CA GLU A 170 -2.23 20.58 10.75
C GLU A 170 -2.44 19.31 11.58
N VAL A 171 -1.71 19.22 12.69
CA VAL A 171 -1.67 17.99 13.48
C VAL A 171 -2.89 17.89 14.39
N VAL A 172 -3.72 16.89 14.11
CA VAL A 172 -4.86 16.53 14.97
C VAL A 172 -4.57 15.26 15.78
N THR A 173 -3.79 14.36 15.20
CA THR A 173 -3.31 13.18 15.91
C THR A 173 -2.04 12.66 15.23
N GLU A 174 -1.53 11.54 15.70
CA GLU A 174 -0.32 10.98 15.12
C GLU A 174 -0.25 9.51 15.45
N TYR A 175 0.48 8.77 14.64
CA TYR A 175 0.63 7.34 14.86
C TYR A 175 1.48 7.10 16.11
N PRO A 176 0.95 6.31 17.06
CA PRO A 176 1.72 6.01 18.26
C PRO A 176 2.75 4.94 17.97
N VAL A 177 4.00 5.34 17.73
CA VAL A 177 4.99 4.40 17.16
C VAL A 177 5.44 3.29 18.10
N GLN A 178 5.54 3.58 19.40
CA GLN A 178 5.90 2.54 20.37
C GLN A 178 4.81 1.47 20.44
N PHE A 179 3.57 1.91 20.52
CA PHE A 179 2.39 1.04 20.47
C PHE A 179 2.44 0.14 19.22
N ILE A 180 2.65 0.76 18.06
CA ILE A 180 2.68 0.06 16.80
C ILE A 180 3.82 -0.98 16.74
N ALA A 181 5.00 -0.57 17.17
CA ALA A 181 6.16 -1.46 17.14
C ALA A 181 5.96 -2.68 18.05
N ALA A 182 5.25 -2.48 19.16
CA ALA A 182 4.98 -3.58 20.08
C ALA A 182 3.92 -4.55 19.56
N GLY A 183 2.89 -4.03 18.90
CA GLY A 183 1.75 -4.85 18.49
C GLY A 183 1.78 -5.39 17.07
N LEU A 184 2.58 -4.77 16.20
CA LEU A 184 2.60 -5.12 14.77
C LEU A 184 3.96 -5.59 14.31
N ASP A 185 3.96 -6.39 13.26
CA ASP A 185 5.22 -6.87 12.67
C ASP A 185 5.88 -5.79 11.81
N TRP A 186 5.07 -5.01 11.11
CA TRP A 186 5.55 -3.81 10.40
C TRP A 186 4.38 -2.99 9.93
N VAL A 187 4.69 -1.80 9.42
CA VAL A 187 3.69 -0.96 8.77
C VAL A 187 4.10 -0.70 7.32
N ASN A 188 3.10 -0.59 6.47
CA ASN A 188 3.26 -0.32 5.06
C ASN A 188 3.03 1.16 4.84
N VAL A 189 4.13 1.89 4.62
CA VAL A 189 4.11 3.34 4.51
C VAL A 189 3.73 3.75 3.10
N MET A 190 2.58 4.43 2.96
CA MET A 190 2.04 4.76 1.65
C MET A 190 2.68 6.05 1.17
N ALA A 191 3.93 5.91 0.71
CA ALA A 191 4.80 7.03 0.36
C ALA A 191 4.58 7.44 -1.10
N TYR A 192 3.35 7.78 -1.42
CA TYR A 192 2.98 8.18 -2.78
C TYR A 192 1.63 8.90 -2.74
N ASP A 193 1.12 9.25 -3.92
CA ASP A 193 -0.12 10.02 -4.09
C ASP A 193 -0.01 11.42 -3.48
N PHE A 194 1.19 11.99 -3.55
CA PHE A 194 1.44 13.34 -3.06
C PHE A 194 0.87 14.39 -4.00
N HIS A 195 0.77 14.03 -5.28
CA HIS A 195 0.31 14.94 -6.32
C HIS A 195 -0.49 14.16 -7.34
N GLY A 196 -1.43 14.85 -7.98
CA GLY A 196 -2.32 14.23 -8.96
C GLY A 196 -3.23 15.26 -9.61
N SER A 197 -4.19 14.77 -10.39
CA SER A 197 -5.04 15.63 -11.22
C SER A 197 -5.98 16.56 -10.44
N TRP A 198 -6.10 16.32 -9.15
CA TRP A 198 -6.78 17.26 -8.25
C TRP A 198 -6.04 18.61 -8.12
N GLU A 199 -4.78 18.65 -8.55
CA GLU A 199 -4.01 19.89 -8.69
C GLU A 199 -3.94 20.29 -10.16
N ASN A 200 -3.95 21.60 -10.43
CA ASN A 200 -3.88 22.09 -11.81
C ASN A 200 -2.45 22.37 -12.28
N PHE A 201 -1.49 21.60 -11.77
CA PHE A 201 -0.11 21.61 -12.27
C PHE A 201 0.48 20.23 -12.10
N THR A 202 1.36 19.84 -13.02
CA THR A 202 1.98 18.52 -12.96
C THR A 202 3.01 18.47 -11.84
N GLY A 203 3.21 17.28 -11.29
CA GLY A 203 4.16 17.07 -10.22
C GLY A 203 4.53 15.61 -10.11
N ALA A 204 5.52 15.32 -9.26
CA ALA A 204 5.98 13.95 -9.03
C ALA A 204 5.12 13.30 -7.95
N PRO A 205 4.25 12.36 -8.33
CA PRO A 205 3.29 11.84 -7.33
C PRO A 205 3.91 11.09 -6.15
N ALA A 206 5.13 10.58 -6.32
CA ALA A 206 5.78 9.80 -5.27
C ALA A 206 7.24 10.23 -5.06
N ALA A 207 7.49 11.53 -5.23
CA ALA A 207 8.83 12.07 -5.04
C ALA A 207 9.51 11.51 -3.80
N LEU A 208 10.73 11.00 -3.97
CA LEU A 208 11.56 10.57 -2.85
C LEU A 208 12.01 11.77 -2.03
N ARG A 209 12.39 12.83 -2.72
CA ARG A 209 12.77 14.08 -2.07
C ARG A 209 12.49 15.26 -3.00
N ASP A 210 12.62 16.47 -2.45
CA ASP A 210 12.34 17.70 -3.19
C ASP A 210 12.92 18.87 -2.39
N PRO A 211 13.57 19.83 -3.08
CA PRO A 211 13.95 21.08 -2.44
C PRO A 211 12.90 22.18 -2.65
N SER A 213 9.65 21.02 -1.40
CA SER A 213 8.36 20.51 -0.93
C SER A 213 8.54 19.59 0.27
N LYS A 214 7.52 19.57 1.13
CA LYS A 214 7.49 18.73 2.32
C LYS A 214 6.75 17.40 2.08
N PHE A 215 6.04 17.31 0.95
CA PHE A 215 5.34 16.08 0.59
C PHE A 215 6.28 15.14 -0.17
N THR A 216 7.16 14.45 0.55
CA THR A 216 8.07 13.49 -0.06
C THR A 216 8.19 12.23 0.78
N ALA A 217 8.61 11.15 0.14
CA ALA A 217 8.78 9.87 0.84
C ALA A 217 9.81 9.99 1.95
N SER A 218 10.91 10.70 1.69
CA SER A 218 11.99 10.83 2.67
C SER A 218 11.55 11.60 3.91
N VAL A 219 10.86 12.72 3.71
CA VAL A 219 10.34 13.52 4.84
C VAL A 219 9.40 12.64 5.69
N GLY A 220 8.52 11.90 5.04
CA GLY A 220 7.62 11.01 5.78
C GLY A 220 8.36 9.95 6.57
N ILE A 221 9.29 9.26 5.93
CA ILE A 221 10.10 8.26 6.61
C ILE A 221 10.88 8.88 7.79
N GLU A 222 11.47 10.05 7.56
CA GLU A 222 12.19 10.77 8.62
C GLU A 222 11.29 10.99 9.84
N SER A 223 10.03 11.33 9.59
CA SER A 223 9.10 11.61 10.69
C SER A 223 8.82 10.38 11.56
N PHE A 224 8.66 9.21 10.94
CA PHE A 224 8.49 7.98 11.71
C PHE A 224 9.74 7.63 12.52
N LEU A 225 10.92 7.82 11.94
CA LEU A 225 12.17 7.50 12.61
C LEU A 225 12.44 8.48 13.77
N ALA A 226 12.14 9.75 13.53
CA ALA A 226 12.29 10.79 14.55
C ALA A 226 11.39 10.53 15.75
N ALA A 227 10.20 9.98 15.49
CA ALA A 227 9.26 9.65 16.55
C ALA A 227 9.68 8.42 17.36
N GLY A 228 10.61 7.63 16.83
CA GLY A 228 11.13 6.46 17.54
C GLY A 228 10.74 5.11 16.95
N MET A 229 10.19 5.08 15.74
CA MET A 229 9.84 3.80 15.12
C MET A 229 11.14 3.05 14.79
N PRO A 230 11.25 1.78 15.23
CA PRO A 230 12.40 0.98 14.80
C PRO A 230 12.42 0.92 13.28
N PRO A 231 13.57 1.20 12.65
CA PRO A 231 13.61 1.28 11.19
C PRO A 231 13.08 0.02 10.50
N GLU A 232 13.38 -1.15 11.08
CA GLU A 232 12.97 -2.43 10.48
C GLU A 232 11.45 -2.63 10.46
N LYS A 233 10.71 -1.83 11.22
CA LYS A 233 9.24 -1.88 11.23
C LYS A 233 8.62 -1.05 10.10
N LEU A 234 9.43 -0.32 9.32
CA LEU A 234 8.93 0.47 8.20
C LEU A 234 9.17 -0.23 6.87
N VAL A 235 8.11 -0.36 6.08
CA VAL A 235 8.20 -0.90 4.74
C VAL A 235 7.78 0.21 3.75
N LEU A 236 8.70 0.58 2.87
CA LEU A 236 8.48 1.72 1.97
C LEU A 236 7.59 1.38 0.77
N GLY A 237 6.48 2.08 0.66
CA GLY A 237 5.57 1.87 -0.45
C GLY A 237 6.06 2.52 -1.73
N ILE A 238 5.87 1.81 -2.83
CA ILE A 238 6.20 2.27 -4.17
C ILE A 238 5.02 1.94 -5.09
N PRO A 239 4.52 2.93 -5.84
CA PRO A 239 3.38 2.65 -6.69
C PRO A 239 3.77 1.99 -8.01
N LEU A 240 2.93 1.08 -8.49
CA LEU A 240 3.05 0.51 -9.82
C LEU A 240 2.07 1.15 -10.80
N PHE A 241 1.62 2.35 -10.44
CA PHE A 241 0.78 3.18 -11.29
C PHE A 241 1.31 4.60 -11.23
N GLY A 242 0.92 5.39 -12.21
CA GLY A 242 1.24 6.81 -12.26
C GLY A 242 -0.01 7.64 -12.15
N ARG A 243 0.16 8.93 -11.83
CA ARG A 243 -0.93 9.88 -11.83
C ARG A 243 -0.81 10.72 -13.09
N SER A 244 -1.93 10.91 -13.79
CA SER A 244 -1.92 11.57 -15.08
C SER A 244 -2.74 12.84 -15.09
N TRP A 245 -2.30 13.77 -15.94
CA TRP A 245 -2.94 15.06 -16.14
C TRP A 245 -3.17 15.31 -17.62
N LEU A 246 -4.11 16.20 -17.93
CA LEU A 246 -4.21 16.79 -19.25
C LEU A 246 -3.51 18.15 -19.18
N LEU A 247 -2.61 18.41 -20.12
CA LEU A 247 -1.82 19.63 -20.13
C LEU A 247 -2.62 20.80 -20.68
N LYS A 248 -2.40 21.99 -20.10
CA LYS A 248 -3.01 23.20 -20.62
C LYS A 248 -2.40 23.56 -21.97
N ASN A 249 -1.07 23.45 -22.08
CA ASN A 249 -0.34 23.74 -23.32
C ASN A 249 0.62 22.60 -23.64
N ASN A 250 0.58 22.12 -24.88
CA ASN A 250 1.40 20.99 -25.30
C ASN A 250 2.91 21.26 -25.36
N ASN A 251 3.31 22.53 -25.35
CA ASN A 251 4.75 22.85 -25.30
C ASN A 251 5.29 23.11 -23.89
N GLU A 252 4.43 23.01 -22.87
CA GLU A 252 4.85 23.05 -21.47
C GLU A 252 4.67 21.66 -20.88
N VAL A 253 5.78 20.92 -20.80
CA VAL A 253 5.73 19.47 -20.58
C VAL A 253 6.56 18.98 -19.40
N GLY A 254 7.15 19.90 -18.64
CA GLY A 254 7.98 19.52 -17.49
C GLY A 254 7.16 19.43 -16.22
N ILE A 255 7.86 19.24 -15.09
CA ILE A 255 7.23 19.29 -13.78
C ILE A 255 6.85 20.74 -13.47
N GLY A 256 5.63 20.93 -12.96
CA GLY A 256 5.10 22.26 -12.67
C GLY A 256 4.35 22.88 -13.83
N ALA A 257 4.14 22.12 -14.91
CA ALA A 257 3.41 22.64 -16.07
C ALA A 257 1.92 22.76 -15.73
N PRO A 258 1.25 23.78 -16.29
CA PRO A 258 -0.17 23.94 -16.00
C PRO A 258 -1.02 22.83 -16.60
N ALA A 259 -2.05 22.41 -15.88
CA ALA A 259 -2.93 21.32 -16.29
C ALA A 259 -4.39 21.69 -16.16
N VAL A 260 -5.25 20.95 -16.84
CA VAL A 260 -6.68 21.25 -16.93
C VAL A 260 -7.61 20.08 -16.59
N GLY A 261 -7.09 19.05 -15.91
CA GLY A 261 -7.91 17.90 -15.52
C GLY A 261 -7.15 16.59 -15.51
N ALA A 262 -7.88 15.51 -15.20
CA ALA A 262 -7.32 14.18 -15.12
C ALA A 262 -7.05 13.61 -16.50
N GLY A 263 -5.89 12.98 -16.67
CA GLY A 263 -5.58 12.22 -17.86
C GLY A 263 -6.16 10.82 -17.73
N PRO A 264 -5.83 9.92 -18.67
CA PRO A 264 -6.36 8.57 -18.58
C PRO A 264 -5.66 7.79 -17.45
N VAL A 265 -6.31 6.82 -16.80
CA VAL A 265 -7.75 6.58 -16.86
C VAL A 265 -8.30 7.20 -15.60
N ASP A 266 -9.07 8.28 -15.76
CA ASP A 266 -9.56 9.05 -14.63
C ASP A 266 -8.42 9.39 -13.65
N GLY A 267 -7.27 9.76 -14.18
CA GLY A 267 -6.14 10.24 -13.37
C GLY A 267 -5.11 9.21 -12.94
N ALA A 268 -5.34 7.93 -13.25
CA ALA A 268 -4.40 6.87 -12.86
C ALA A 268 -4.13 5.93 -14.03
N LEU A 269 -2.86 5.58 -14.21
CA LEU A 269 -2.43 4.74 -15.33
C LEU A 269 -1.43 3.70 -14.82
N SER A 270 -1.67 2.43 -15.13
CA SER A 270 -0.80 1.36 -14.67
C SER A 270 0.58 1.49 -15.33
N PHE A 271 1.61 1.02 -14.64
CA PHE A 271 2.95 0.99 -15.25
C PHE A 271 2.94 0.31 -16.62
N SER A 272 2.23 -0.81 -16.75
CA SER A 272 2.17 -1.48 -18.05
C SER A 272 1.57 -0.57 -19.13
N GLU A 273 0.52 0.16 -18.78
CA GLU A 273 -0.05 1.10 -19.76
C GLU A 273 0.88 2.28 -20.03
N ILE A 274 1.66 2.69 -19.03
CA ILE A 274 2.68 3.72 -19.24
C ILE A 274 3.76 3.22 -20.20
N GLN A 275 4.14 1.94 -20.10
CA GLN A 275 5.09 1.36 -21.06
C GLN A 275 4.50 1.42 -22.47
N ASN A 276 3.21 1.12 -22.60
CA ASN A 276 2.52 1.22 -23.88
C ASN A 276 2.50 2.65 -24.39
N PHE A 277 2.25 3.60 -23.49
CA PHE A 277 2.25 5.03 -23.79
C PHE A 277 3.60 5.45 -24.41
N ILE A 278 4.69 5.00 -23.80
CA ILE A 278 6.03 5.29 -24.30
C ILE A 278 6.30 4.61 -25.64
N ARG A 279 5.94 3.34 -25.77
CA ARG A 279 6.11 2.63 -27.05
C ARG A 279 5.27 3.27 -28.17
N GLY A 280 4.16 3.89 -27.80
CA GLY A 280 3.31 4.61 -28.75
C GLY A 280 3.73 6.05 -29.03
N GLY A 281 4.89 6.46 -28.52
CA GLY A 281 5.46 7.76 -28.88
C GLY A 281 5.61 8.76 -27.75
N ALA A 282 5.19 8.43 -26.54
CA ALA A 282 5.41 9.35 -25.41
C ALA A 282 6.90 9.41 -25.09
N ARG A 283 7.37 10.58 -24.66
CA ARG A 283 8.76 10.74 -24.25
C ARG A 283 8.89 10.55 -22.75
N GLU A 284 9.78 9.64 -22.35
CA GLU A 284 10.11 9.45 -20.94
C GLU A 284 11.23 10.37 -20.49
N VAL A 285 11.06 10.93 -19.29
CA VAL A 285 12.07 11.77 -18.66
C VAL A 285 12.28 11.27 -17.22
N PHE A 286 13.53 11.08 -16.84
CA PHE A 286 13.89 10.86 -15.45
C PHE A 286 14.15 12.21 -14.81
N ASP A 287 13.54 12.43 -13.63
CA ASP A 287 13.74 13.66 -12.89
C ASP A 287 14.58 13.40 -11.66
N THR A 288 15.85 13.78 -11.73
CA THR A 288 16.77 13.50 -10.65
C THR A 288 16.48 14.29 -9.38
N THR A 289 15.91 15.48 -9.55
CA THR A 289 15.56 16.34 -8.41
C THR A 289 14.61 15.64 -7.44
N THR A 290 13.59 14.96 -7.98
CA THR A 290 12.60 14.27 -7.17
C THR A 290 12.82 12.75 -7.06
N VAL A 291 13.68 12.20 -7.92
CA VAL A 291 13.86 10.75 -8.04
C VAL A 291 12.55 10.13 -8.50
N SER A 292 12.21 10.40 -9.75
CA SER A 292 10.93 9.97 -10.30
C SER A 292 11.01 10.06 -11.81
N ALA A 293 9.96 9.62 -12.48
CA ALA A 293 9.89 9.70 -13.94
C ALA A 293 8.60 10.34 -14.36
N TYR A 294 8.60 10.88 -15.57
CA TYR A 294 7.36 11.30 -16.19
C TYR A 294 7.45 11.09 -17.69
N ALA A 295 6.29 11.02 -18.31
CA ALA A 295 6.21 10.80 -19.74
C ALA A 295 5.06 11.62 -20.30
N TYR A 296 5.24 12.12 -21.52
CA TYR A 296 4.23 12.95 -22.13
C TYR A 296 4.13 12.74 -23.64
N LYS A 297 2.93 12.99 -24.14
CA LYS A 297 2.66 12.96 -25.57
C LYS A 297 1.46 13.85 -25.80
N ASP A 298 1.57 14.77 -26.74
CA ASP A 298 0.50 15.73 -27.01
C ASP A 298 0.05 16.36 -25.68
N ASN A 299 -1.23 16.24 -25.31
CA ASN A 299 -1.72 16.87 -24.09
C ASN A 299 -1.81 15.96 -22.86
N VAL A 300 -1.17 14.79 -22.91
CA VAL A 300 -1.21 13.83 -21.79
C VAL A 300 0.15 13.74 -21.11
N TRP A 301 0.15 13.81 -19.78
CA TRP A 301 1.35 13.84 -18.97
C TRP A 301 1.12 12.89 -17.80
N VAL A 302 2.07 12.01 -17.53
CA VAL A 302 1.93 11.07 -16.42
C VAL A 302 3.24 11.01 -15.61
N GLY A 303 3.10 11.06 -14.28
CA GLY A 303 4.23 10.95 -13.36
C GLY A 303 4.16 9.59 -12.68
N TYR A 304 5.31 8.92 -12.56
CA TYR A 304 5.35 7.54 -12.12
C TYR A 304 6.75 7.17 -11.68
N ASP A 305 6.92 5.92 -11.26
CA ASP A 305 8.23 5.36 -10.97
C ASP A 305 8.65 4.40 -12.08
N ASN A 306 9.91 4.51 -12.49
CA ASN A 306 10.45 3.65 -13.54
C ASN A 306 11.61 2.82 -13.00
N GLN A 307 12.30 2.13 -13.90
N GLN A 307 12.30 2.11 -13.88
CA GLN A 307 13.36 1.21 -13.54
CA GLN A 307 13.37 1.21 -13.48
C GLN A 307 14.47 1.88 -12.71
C GLN A 307 14.40 1.93 -12.62
N GLN A 308 14.83 3.10 -13.08
CA GLN A 308 15.83 3.89 -12.37
C GLN A 308 15.34 4.38 -11.01
N SER A 309 14.16 5.01 -10.98
CA SER A 309 13.67 5.56 -9.71
C SER A 309 13.36 4.48 -8.68
N VAL A 310 12.86 3.32 -9.14
CA VAL A 310 12.60 2.21 -8.21
C VAL A 310 13.91 1.70 -7.60
N ALA A 311 14.93 1.50 -8.43
CA ALA A 311 16.23 1.07 -7.92
C ALA A 311 16.75 2.07 -6.89
N LEU A 312 16.59 3.35 -7.15
CA LEU A 312 17.05 4.40 -6.22
C LEU A 312 16.25 4.38 -4.93
N LYS A 313 14.92 4.21 -5.03
CA LYS A 313 14.09 4.14 -3.85
C LYS A 313 14.41 2.92 -2.99
N VAL A 314 14.67 1.79 -3.63
CA VAL A 314 14.95 0.56 -2.90
C VAL A 314 16.31 0.66 -2.20
N GLN A 315 17.29 1.27 -2.85
CA GLN A 315 18.59 1.49 -2.22
C GLN A 315 18.48 2.49 -1.07
N TYR A 316 17.65 3.53 -1.25
CA TYR A 316 17.32 4.46 -0.17
C TYR A 316 16.77 3.72 1.04
N ALA A 317 15.82 2.81 0.82
CA ALA A 317 15.24 2.04 1.91
C ALA A 317 16.29 1.22 2.61
N LYS A 318 17.20 0.63 1.82
CA LYS A 318 18.32 -0.13 2.37
C LYS A 318 19.24 0.77 3.21
N GLU A 319 19.57 1.95 2.69
CA GLU A 319 20.45 2.89 3.40
C GLU A 319 19.80 3.47 4.67
N LYS A 320 18.48 3.63 4.65
CA LYS A 320 17.75 4.06 5.83
C LYS A 320 17.42 2.92 6.80
N ARG A 321 17.91 1.71 6.51
CA ARG A 321 17.79 0.54 7.39
C ARG A 321 16.35 0.07 7.56
N LEU A 322 15.53 0.30 6.54
CA LEU A 322 14.11 -0.04 6.63
C LEU A 322 13.91 -1.55 6.50
N GLY A 323 12.74 -2.02 6.89
CA GLY A 323 12.40 -3.43 6.80
C GLY A 323 12.34 -3.95 5.37
N GLY A 324 11.99 -3.07 4.44
CA GLY A 324 11.89 -3.43 3.04
C GLY A 324 11.01 -2.47 2.27
N TYR A 325 10.35 -2.98 1.23
CA TYR A 325 9.50 -2.17 0.38
C TYR A 325 8.24 -2.95 0.03
N PHE A 326 7.23 -2.21 -0.42
CA PHE A 326 6.02 -2.83 -0.96
C PHE A 326 5.61 -2.17 -2.27
N PHE A 327 4.91 -2.92 -3.10
CA PHE A 327 4.32 -2.42 -4.33
C PHE A 327 2.80 -2.50 -4.27
N TRP A 328 2.15 -1.37 -4.56
CA TRP A 328 0.72 -1.34 -4.86
C TRP A 328 0.55 -0.92 -6.33
N SER A 329 -0.03 -1.73 -7.21
CA SER A 329 -0.48 -3.11 -6.96
C SER A 329 0.02 -3.98 -8.11
N VAL A 330 0.21 -5.26 -7.86
CA VAL A 330 1.06 -6.10 -8.73
C VAL A 330 0.47 -6.36 -10.11
N ASN A 331 -0.86 -6.33 -10.20
CA ASN A 331 -1.57 -6.38 -11.50
C ASN A 331 -1.23 -5.23 -12.45
N GLN A 332 -0.69 -4.14 -11.92
CA GLN A 332 -0.39 -2.96 -12.72
C GLN A 332 0.96 -3.01 -13.44
N ASP A 333 1.78 -4.01 -13.14
CA ASP A 333 3.05 -4.24 -13.82
C ASP A 333 3.05 -5.69 -14.29
N ILE A 334 2.37 -5.93 -15.40
CA ILE A 334 2.07 -7.31 -15.80
C ILE A 334 3.32 -8.15 -16.07
N ASP A 335 4.40 -7.51 -16.54
CA ASP A 335 5.66 -8.21 -16.82
C ASP A 335 6.62 -8.20 -15.62
N ALA A 336 6.15 -7.66 -14.50
CA ALA A 336 6.93 -7.57 -13.26
C ALA A 336 8.29 -6.91 -13.45
N ILE A 337 8.32 -5.84 -14.24
CA ILE A 337 9.55 -5.12 -14.52
C ILE A 337 10.09 -4.47 -13.25
N LEU A 338 9.24 -3.76 -12.52
CA LEU A 338 9.70 -3.02 -11.35
C LEU A 338 9.95 -3.92 -10.14
N PRO A 339 9.10 -4.94 -9.91
CA PRO A 339 9.45 -5.90 -8.86
C PRO A 339 10.79 -6.61 -9.09
N LYS A 340 11.15 -6.85 -10.36
CA LYS A 340 12.44 -7.47 -10.64
C LYS A 340 13.61 -6.56 -10.27
N ILE A 341 13.59 -5.32 -10.73
CA ILE A 341 14.69 -4.42 -10.37
C ILE A 341 14.75 -4.20 -8.85
N ALA A 342 13.60 -4.11 -8.19
CA ALA A 342 13.59 -3.93 -6.74
C ALA A 342 14.26 -5.10 -6.02
N SER A 343 13.91 -6.31 -6.42
CA SER A 343 14.48 -7.51 -5.81
C SER A 343 15.97 -7.61 -6.06
N ASP A 344 16.39 -7.33 -7.31
CA ASP A 344 17.80 -7.33 -7.67
C ASP A 344 18.56 -6.28 -6.88
N THR A 345 17.95 -5.10 -6.69
CA THR A 345 18.63 -4.01 -5.98
C THR A 345 18.90 -4.37 -4.52
N TRP A 346 17.90 -4.91 -3.83
CA TRP A 346 18.12 -5.24 -2.42
C TRP A 346 19.14 -6.37 -2.29
N GLY A 347 19.09 -7.34 -3.21
CA GLY A 347 20.07 -8.42 -3.23
C GLY A 347 21.45 -7.99 -3.70
#